data_8CP3
#
_entry.id   8CP3
#
_cell.length_a   144.810
_cell.length_b   144.810
_cell.length_c   193.640
_cell.angle_alpha   90.000
_cell.angle_beta   90.000
_cell.angle_gamma   120.000
#
_symmetry.space_group_name_H-M   'H 3 2'
#
loop_
_entity.id
_entity.type
_entity.pdbx_description
1 polymer 'NAD_synthase domain-containing protein'
2 non-polymer 'PHOSPHOAMINOPHOSPHONIC ACID-ADENYLATE ESTER'
3 non-polymer BETA-MERCAPTOETHANOL
4 non-polymer 'SULFATE ION'
5 non-polymer GLYCEROL
6 water water
#
_entity_poly.entity_id   1
_entity_poly.type   'polypeptide(L)'
_entity_poly.pdbx_seq_one_letter_code
;GPMLEVLFQGPMIIMEKGLLEKYNSLLEFFKNKKVIVAYSGGVDSTLISKIASDNAQTLAVTIDNGFFSENVIKKAENRA
KKYNIPQKTIKIDYLNEITSKDLENRCYNCKKRIAEELKRIKNELNYDIIVDGTIYDDIFEDRPGIKAFNESNIISPLSN
LKFSKNDVFELSNYLKIDIPKKDTCMATRILSAPISKENMAKSNLAEEFIKLNFHIESYLRVRYLENIAIIELTKNESEK
IFDNDSIERINTELKKIGFEKVVLDLNFKGS
;
_entity_poly.pdbx_strand_id   A,B
#
# COMPACT_ATOMS: atom_id res chain seq x y z
N ILE A 14 17.48 14.52 25.34
CA ILE A 14 17.26 14.97 23.96
C ILE A 14 18.29 16.02 23.65
N MET A 15 19.10 15.75 22.62
CA MET A 15 20.16 16.66 22.23
C MET A 15 19.66 17.95 21.60
N GLU A 16 18.35 18.09 21.37
CA GLU A 16 17.84 19.27 20.68
C GLU A 16 16.84 19.99 21.58
N LYS A 17 17.09 21.27 21.84
CA LYS A 17 16.24 22.08 22.71
C LYS A 17 14.82 22.20 22.13
N GLY A 18 14.69 22.32 20.82
CA GLY A 18 13.36 22.38 20.22
C GLY A 18 12.52 21.17 20.55
N LEU A 19 13.08 19.99 20.38
CA LEU A 19 12.34 18.77 20.68
C LEU A 19 12.15 18.62 22.18
N LEU A 20 13.14 19.04 22.97
CA LEU A 20 12.99 18.99 24.41
C LEU A 20 11.83 19.87 24.88
N GLU A 21 11.67 21.05 24.28
CA GLU A 21 10.56 21.93 24.65
C GLU A 21 9.21 21.29 24.34
N LYS A 22 9.07 20.70 23.15
CA LYS A 22 7.82 20.01 22.83
C LYS A 22 7.55 18.92 23.85
N TYR A 23 8.57 18.13 24.16
CA TYR A 23 8.37 17.05 25.12
C TYR A 23 7.92 17.59 26.46
N ASN A 24 8.62 18.63 26.95
CA ASN A 24 8.26 19.24 28.22
C ASN A 24 6.87 19.86 28.19
N SER A 25 6.47 20.47 27.06
CA SER A 25 5.11 20.98 26.97
C SER A 25 4.10 19.86 27.17
N LEU A 26 4.35 18.69 26.57
CA LEU A 26 3.49 17.52 26.76
C LEU A 26 3.46 17.08 28.23
N LEU A 27 4.63 16.97 28.87
CA LEU A 27 4.63 16.51 30.26
C LEU A 27 3.82 17.44 31.13
N GLU A 28 3.98 18.74 30.93
CA GLU A 28 3.29 19.75 31.72
C GLU A 28 1.78 19.72 31.49
N PHE A 29 1.37 19.49 30.24
CA PHE A 29 -0.05 19.48 29.93
C PHE A 29 -0.74 18.26 30.49
N PHE A 30 -0.05 17.10 30.51
CA PHE A 30 -0.69 15.86 30.94
C PHE A 30 -0.73 15.70 32.46
N LYS A 31 0.09 16.44 33.20
CA LYS A 31 0.20 16.23 34.63
C LYS A 31 -1.16 16.40 35.30
N ASN A 32 -1.56 15.42 36.11
CA ASN A 32 -2.79 15.46 36.90
C ASN A 32 -4.06 15.36 36.05
N LYS A 33 -3.98 14.91 34.81
CA LYS A 33 -5.18 14.73 34.03
C LYS A 33 -5.45 13.25 33.81
N LYS A 34 -6.72 12.93 33.63
CA LYS A 34 -7.12 11.59 33.20
C LYS A 34 -7.31 11.67 31.70
N VAL A 35 -6.58 10.84 30.98
CA VAL A 35 -6.37 11.04 29.55
C VAL A 35 -6.88 9.82 28.81
N ILE A 36 -7.81 10.04 27.88
CA ILE A 36 -8.22 9.04 26.90
C ILE A 36 -7.40 9.30 25.65
N VAL A 37 -6.73 8.28 25.15
CA VAL A 37 -5.97 8.41 23.91
C VAL A 37 -6.63 7.60 22.82
N ALA A 38 -6.94 8.28 21.72
CA ALA A 38 -7.43 7.62 20.52
C ALA A 38 -6.22 6.93 19.89
N TYR A 39 -6.14 5.60 20.04
CA TYR A 39 -4.91 4.85 19.74
C TYR A 39 -5.16 3.87 18.59
N SER A 40 -4.37 3.99 17.53
CA SER A 40 -4.52 3.13 16.37
C SER A 40 -3.38 2.12 16.23
N GLY A 41 -2.35 2.21 17.07
CA GLY A 41 -1.17 1.38 16.92
C GLY A 41 -0.10 1.97 16.05
N GLY A 42 -0.41 3.02 15.29
CA GLY A 42 0.62 3.61 14.45
C GLY A 42 1.61 4.37 15.30
N VAL A 43 2.71 4.75 14.64
CA VAL A 43 3.80 5.44 15.32
C VAL A 43 3.31 6.68 16.06
N ASP A 44 2.43 7.47 15.43
CA ASP A 44 2.10 8.78 15.99
C ASP A 44 1.31 8.64 17.29
N SER A 45 0.23 7.86 17.28
CA SER A 45 -0.58 7.70 18.47
C SER A 45 0.09 6.79 19.49
N THR A 46 1.01 5.92 19.07
CA THR A 46 1.83 5.23 20.08
C THR A 46 2.68 6.24 20.83
N LEU A 47 3.25 7.22 20.11
CA LEU A 47 4.15 8.17 20.77
C LEU A 47 3.40 8.93 21.87
N ILE A 48 2.23 9.47 21.53
CA ILE A 48 1.56 10.27 22.54
C ILE A 48 0.91 9.38 23.60
N SER A 49 0.53 8.14 23.28
CA SER A 49 0.02 7.25 24.32
C SER A 49 1.09 6.99 25.37
N LYS A 50 2.31 6.72 24.90
CA LYS A 50 3.41 6.40 25.81
C LYS A 50 3.76 7.60 26.70
N ILE A 51 3.77 8.80 26.14
CA ILE A 51 4.08 9.98 26.94
C ILE A 51 2.96 10.24 27.93
N ALA A 52 1.70 10.17 27.47
CA ALA A 52 0.59 10.31 28.41
C ALA A 52 0.69 9.25 29.50
N SER A 53 0.88 8.01 29.10
CA SER A 53 0.84 6.90 30.05
C SER A 53 1.97 6.97 31.08
N ASP A 54 3.15 7.46 30.71
CA ASP A 54 4.24 7.53 31.70
C ASP A 54 4.01 8.61 32.74
N ASN A 55 3.12 9.58 32.47
CA ASN A 55 2.99 10.81 33.24
C ASN A 55 1.61 11.12 33.77
N ALA A 56 0.61 10.29 33.46
CA ALA A 56 -0.75 10.60 33.86
C ALA A 56 -1.56 9.32 33.79
N GLN A 57 -2.70 9.34 34.47
CA GLN A 57 -3.64 8.24 34.39
C GLN A 57 -4.20 8.21 32.97
N THR A 58 -3.98 7.12 32.24
CA THR A 58 -4.17 7.14 30.80
C THR A 58 -4.86 5.87 30.37
N LEU A 59 -5.77 5.96 29.39
CA LEU A 59 -6.33 4.77 28.76
C LEU A 59 -6.30 4.97 27.25
N ALA A 60 -5.57 4.09 26.56
CA ALA A 60 -5.50 4.11 25.12
C ALA A 60 -6.68 3.34 24.58
N VAL A 61 -7.49 3.96 23.73
CA VAL A 61 -8.72 3.33 23.27
C VAL A 61 -8.61 3.10 21.76
N THR A 62 -8.75 1.85 21.34
CA THR A 62 -8.76 1.48 19.92
C THR A 62 -10.19 1.11 19.56
N ILE A 63 -10.78 1.81 18.58
CA ILE A 63 -12.12 1.51 18.12
C ILE A 63 -12.04 0.54 16.96
N ASP A 64 -12.64 -0.63 17.14
CA ASP A 64 -12.72 -1.65 16.10
C ASP A 64 -14.05 -1.51 15.35
N ASN A 65 -14.02 -0.80 14.22
CA ASN A 65 -15.21 -0.53 13.42
C ASN A 65 -15.32 -1.40 12.17
N GLY A 66 -14.44 -2.39 12.01
CA GLY A 66 -14.41 -3.23 10.83
C GLY A 66 -13.51 -2.77 9.70
N PHE A 67 -12.83 -1.64 9.83
CA PHE A 67 -11.90 -1.22 8.78
C PHE A 67 -10.45 -1.56 9.11
N PHE A 68 -10.20 -2.15 10.28
CA PHE A 68 -8.88 -2.62 10.66
C PHE A 68 -8.89 -4.13 10.81
N SER A 69 -7.91 -4.81 10.21
CA SER A 69 -7.84 -6.25 10.31
C SER A 69 -7.54 -6.67 11.74
N GLU A 70 -7.83 -7.94 12.03
CA GLU A 70 -7.48 -8.51 13.33
C GLU A 70 -5.99 -8.36 13.61
N ASN A 71 -5.16 -8.61 12.60
CA ASN A 71 -3.71 -8.52 12.76
C ASN A 71 -3.30 -7.13 13.23
N VAL A 72 -3.88 -6.08 12.64
CA VAL A 72 -3.60 -4.71 13.06
C VAL A 72 -4.06 -4.47 14.49
N ILE A 73 -5.26 -4.95 14.85
CA ILE A 73 -5.74 -4.80 16.22
C ILE A 73 -4.80 -5.52 17.18
N LYS A 74 -4.45 -6.76 16.87
CA LYS A 74 -3.56 -7.51 17.74
C LYS A 74 -2.23 -6.81 17.90
N LYS A 75 -1.68 -6.28 16.81
CA LYS A 75 -0.39 -5.61 16.91
C LYS A 75 -0.49 -4.34 17.75
N ALA A 76 -1.61 -3.62 17.66
CA ALA A 76 -1.74 -2.44 18.51
C ALA A 76 -1.86 -2.84 19.97
N GLU A 77 -2.65 -3.88 20.26
CA GLU A 77 -2.79 -4.35 21.63
C GLU A 77 -1.44 -4.82 22.17
N ASN A 78 -0.72 -5.63 21.39
CA ASN A 78 0.58 -6.13 21.87
C ASN A 78 1.59 -4.99 22.03
N ARG A 79 1.50 -3.97 21.19
CA ARG A 79 2.42 -2.85 21.28
C ARG A 79 2.11 -2.02 22.53
N ALA A 80 0.82 -1.90 22.90
CA ALA A 80 0.48 -1.24 24.16
C ALA A 80 1.01 -2.04 25.35
N LYS A 81 0.83 -3.36 25.35
CA LYS A 81 1.33 -4.15 26.47
C LYS A 81 2.84 -4.00 26.62
N LYS A 82 3.55 -3.96 25.49
CA LYS A 82 5.00 -3.89 25.52
C LYS A 82 5.51 -2.62 26.21
N TYR A 83 4.81 -1.50 26.02
CA TYR A 83 5.27 -0.23 26.57
C TYR A 83 4.49 0.17 27.83
N ASN A 84 3.82 -0.80 28.48
CA ASN A 84 3.02 -0.59 29.70
C ASN A 84 1.95 0.48 29.56
N ILE A 85 1.32 0.57 28.39
CA ILE A 85 0.22 1.50 28.15
C ILE A 85 -1.09 0.75 28.39
N PRO A 86 -1.91 1.14 29.37
CA PRO A 86 -3.26 0.54 29.48
C PRO A 86 -4.07 0.77 28.21
N GLN A 87 -4.70 -0.32 27.72
CA GLN A 87 -5.33 -0.28 26.41
C GLN A 87 -6.57 -1.13 26.38
N LYS A 88 -7.60 -0.61 25.73
CA LYS A 88 -8.78 -1.41 25.47
C LYS A 88 -9.25 -1.25 24.03
N THR A 89 -9.70 -2.35 23.43
CA THR A 89 -10.25 -2.35 22.08
C THR A 89 -11.76 -2.39 22.21
N ILE A 90 -12.43 -1.37 21.68
CA ILE A 90 -13.89 -1.33 21.76
C ILE A 90 -14.44 -1.59 20.37
N LYS A 91 -15.30 -2.59 20.25
CA LYS A 91 -15.83 -2.97 18.96
C LYS A 91 -17.19 -2.30 18.76
N ILE A 92 -17.40 -1.71 17.59
CA ILE A 92 -18.71 -1.20 17.19
C ILE A 92 -19.04 -1.83 15.84
N ASP A 93 -20.30 -2.11 15.63
CA ASP A 93 -20.72 -2.62 14.34
C ASP A 93 -21.17 -1.45 13.47
N TYR A 94 -20.16 -0.70 13.01
CA TYR A 94 -20.42 0.46 12.15
C TYR A 94 -20.92 0.04 10.76
N LEU A 95 -20.39 -1.07 10.22
CA LEU A 95 -20.72 -1.47 8.86
C LEU A 95 -22.22 -1.59 8.64
N ASN A 96 -22.97 -1.98 9.68
CA ASN A 96 -24.42 -2.15 9.59
C ASN A 96 -25.18 -0.83 9.54
N GLU A 97 -24.53 0.31 9.78
CA GLU A 97 -25.14 1.64 9.77
C GLU A 97 -24.85 2.41 8.47
N ILE A 98 -25.91 2.75 7.72
CA ILE A 98 -25.80 3.58 6.52
C ILE A 98 -26.04 5.05 6.89
N THR A 99 -24.95 5.83 7.03
CA THR A 99 -25.06 7.24 7.41
C THR A 99 -24.40 8.21 6.43
N SER A 100 -23.60 7.74 5.47
CA SER A 100 -22.85 8.64 4.60
C SER A 100 -22.75 8.08 3.19
N LYS A 101 -22.59 8.99 2.22
CA LYS A 101 -22.54 8.53 0.83
C LYS A 101 -21.53 9.30 -0.04
N ASP A 102 -20.75 10.23 0.50
CA ASP A 102 -19.67 10.80 -0.29
C ASP A 102 -18.34 10.28 0.21
N LEU A 103 -17.36 10.17 -0.68
CA LEU A 103 -16.07 9.63 -0.25
C LEU A 103 -15.40 10.54 0.77
N GLU A 104 -15.71 11.84 0.77
CA GLU A 104 -15.26 12.70 1.84
C GLU A 104 -16.27 12.76 2.99
N ASN A 105 -17.58 12.62 2.70
CA ASN A 105 -18.57 12.47 3.76
C ASN A 105 -18.65 11.06 4.34
N ARG A 106 -18.29 10.03 3.56
CA ARG A 106 -18.18 8.71 4.15
C ARG A 106 -17.05 8.68 5.18
N CYS A 107 -15.90 9.27 4.82
CA CYS A 107 -14.80 9.40 5.77
C CYS A 107 -15.21 10.21 6.97
N TYR A 108 -15.77 11.40 6.73
CA TYR A 108 -16.14 12.27 7.84
C TYR A 108 -17.13 11.56 8.75
N ASN A 109 -18.18 10.99 8.19
CA ASN A 109 -19.18 10.40 9.07
C ASN A 109 -18.63 9.18 9.78
N CYS A 110 -17.79 8.42 9.08
CA CYS A 110 -17.17 7.26 9.70
C CYS A 110 -16.24 7.63 10.85
N LYS A 111 -15.40 8.64 10.64
CA LYS A 111 -14.53 9.09 11.71
C LYS A 111 -15.34 9.72 12.85
N LYS A 112 -16.46 10.36 12.53
CA LYS A 112 -17.35 10.89 13.56
C LYS A 112 -17.85 9.76 14.44
N ARG A 113 -18.10 8.59 13.85
CA ARG A 113 -18.61 7.49 14.65
C ARG A 113 -17.55 7.00 15.64
N ILE A 114 -16.29 6.99 15.23
CA ILE A 114 -15.20 6.66 16.15
C ILE A 114 -15.09 7.73 17.23
N ALA A 115 -15.10 9.01 16.83
CA ALA A 115 -14.98 10.12 17.77
C ALA A 115 -16.10 10.07 18.81
N GLU A 116 -17.32 9.79 18.36
CA GLU A 116 -18.46 9.72 19.25
C GLU A 116 -18.32 8.59 20.25
N GLU A 117 -17.77 7.46 19.82
CA GLU A 117 -17.51 6.37 20.75
C GLU A 117 -16.44 6.75 21.76
N LEU A 118 -15.41 7.48 21.32
CA LEU A 118 -14.37 7.90 22.24
C LEU A 118 -14.93 8.83 23.29
N LYS A 119 -15.81 9.75 22.88
CA LYS A 119 -16.44 10.68 23.78
C LYS A 119 -17.37 9.97 24.78
N ARG A 120 -18.10 8.95 24.33
CA ARG A 120 -18.90 8.17 25.27
C ARG A 120 -18.04 7.54 26.36
N ILE A 121 -16.88 7.01 25.99
CA ILE A 121 -16.03 6.35 26.98
C ILE A 121 -15.45 7.37 27.96
N LYS A 122 -15.07 8.55 27.46
CA LYS A 122 -14.51 9.58 28.32
C LYS A 122 -15.50 10.00 29.40
N ASN A 123 -16.77 10.20 29.01
CA ASN A 123 -17.80 10.60 29.98
C ASN A 123 -18.12 9.46 30.95
N GLU A 124 -18.31 8.23 30.42
CA GLU A 124 -18.62 7.09 31.28
C GLU A 124 -17.55 6.89 32.36
N LEU A 125 -16.29 7.06 32.02
CA LEU A 125 -15.19 6.85 32.97
C LEU A 125 -14.84 8.13 33.73
N ASN A 126 -15.52 9.22 33.45
CA ASN A 126 -15.26 10.50 34.07
C ASN A 126 -13.80 10.94 33.89
N TYR A 127 -13.26 10.77 32.69
CA TYR A 127 -11.94 11.26 32.35
C TYR A 127 -12.04 12.72 31.88
N ASP A 128 -10.88 13.36 31.75
CA ASP A 128 -10.84 14.80 31.51
C ASP A 128 -10.70 15.17 30.04
N ILE A 129 -9.84 14.51 29.28
CA ILE A 129 -9.56 14.92 27.91
C ILE A 129 -9.43 13.66 27.06
N ILE A 130 -9.68 13.85 25.75
CA ILE A 130 -9.37 12.89 24.70
C ILE A 130 -8.32 13.54 23.81
N VAL A 131 -7.23 12.82 23.53
CA VAL A 131 -6.20 13.28 22.60
C VAL A 131 -6.02 12.27 21.48
N ASP A 132 -5.52 12.75 20.34
CA ASP A 132 -5.27 11.82 19.25
C ASP A 132 -3.86 12.00 18.75
N GLY A 133 -3.50 11.32 17.66
CA GLY A 133 -2.15 11.28 17.18
C GLY A 133 -1.92 12.05 15.90
N THR A 134 -2.85 12.91 15.50
CA THR A 134 -2.66 13.75 14.33
C THR A 134 -1.46 14.67 14.53
N ILE A 135 -0.58 14.74 13.53
CA ILE A 135 0.59 15.57 13.64
C ILE A 135 0.41 16.78 12.73
N TYR A 136 1.31 17.75 12.90
CA TYR A 136 1.19 19.01 12.17
C TYR A 136 1.21 18.79 10.66
N ASP A 137 2.08 17.89 10.17
CA ASP A 137 2.11 17.62 8.72
C ASP A 137 0.73 17.21 8.22
N ASP A 138 -0.02 16.46 9.04
CA ASP A 138 -1.30 15.88 8.60
C ASP A 138 -2.32 16.97 8.23
N ILE A 139 -2.31 18.11 8.90
CA ILE A 139 -3.39 19.06 8.73
C ILE A 139 -3.28 19.81 7.42
N PHE A 140 -2.13 19.73 6.74
CA PHE A 140 -1.97 20.31 5.41
C PHE A 140 -2.36 19.35 4.31
N GLU A 141 -2.51 18.07 4.62
CA GLU A 141 -3.02 17.11 3.67
C GLU A 141 -4.54 17.11 3.77
N ASP A 142 -5.23 16.49 2.83
CA ASP A 142 -6.69 16.48 2.89
C ASP A 142 -7.20 15.16 3.50
N ARG A 143 -7.48 15.17 4.79
CA ARG A 143 -8.09 14.04 5.49
C ARG A 143 -9.39 14.46 6.14
N PRO A 144 -10.56 14.00 5.65
CA PRO A 144 -11.82 14.56 6.16
C PRO A 144 -12.06 14.38 7.65
N GLY A 145 -11.63 13.27 8.23
CA GLY A 145 -11.95 12.95 9.61
C GLY A 145 -11.30 13.84 10.65
N ILE A 146 -10.35 14.69 10.25
CA ILE A 146 -9.79 15.63 11.22
C ILE A 146 -10.87 16.60 11.67
N LYS A 147 -11.72 17.06 10.74
CA LYS A 147 -12.88 17.85 11.14
C LYS A 147 -13.73 17.10 12.17
N ALA A 148 -13.95 15.80 11.94
CA ALA A 148 -14.86 15.05 12.79
C ALA A 148 -14.35 14.94 14.22
N PHE A 149 -13.03 14.74 14.40
CA PHE A 149 -12.48 14.66 15.75
C PHE A 149 -12.53 16.02 16.45
N ASN A 150 -12.20 17.09 15.72
CA ASN A 150 -12.33 18.42 16.29
C ASN A 150 -13.75 18.68 16.80
N GLU A 151 -14.76 18.23 16.06
CA GLU A 151 -16.14 18.49 16.47
C GLU A 151 -16.53 17.69 17.71
N SER A 152 -15.74 16.70 18.12
CA SER A 152 -15.92 16.02 19.39
C SER A 152 -14.95 16.53 20.45
N ASN A 153 -14.29 17.66 20.19
CA ASN A 153 -13.34 18.26 21.13
C ASN A 153 -12.15 17.32 21.40
N ILE A 154 -11.81 16.48 20.44
CA ILE A 154 -10.65 15.62 20.57
C ILE A 154 -9.42 16.43 20.17
N ILE A 155 -8.46 16.57 21.11
CA ILE A 155 -7.26 17.38 20.91
C ILE A 155 -6.17 16.67 20.13
N SER A 156 -5.43 17.45 19.31
CA SER A 156 -4.23 16.95 18.64
C SER A 156 -2.96 17.63 19.16
N PRO A 157 -2.41 17.14 20.28
CA PRO A 157 -1.24 17.81 20.88
C PRO A 157 -0.01 17.82 19.99
N LEU A 158 0.23 16.76 19.21
CA LEU A 158 1.38 16.76 18.32
C LEU A 158 1.23 17.82 17.24
N SER A 159 0.00 18.04 16.78
CA SER A 159 -0.22 19.11 15.82
C SER A 159 -0.13 20.47 16.48
N ASN A 160 -0.75 20.64 17.66
CA ASN A 160 -0.67 21.93 18.34
C ASN A 160 0.78 22.32 18.61
N LEU A 161 1.65 21.35 18.89
CA LEU A 161 3.04 21.66 19.16
C LEU A 161 3.90 21.59 17.90
N LYS A 162 3.27 21.38 16.74
CA LYS A 162 3.93 21.45 15.43
C LYS A 162 4.96 20.33 15.25
N PHE A 163 4.61 19.12 15.63
CA PHE A 163 5.48 17.98 15.38
C PHE A 163 5.51 17.69 13.90
N SER A 164 6.70 17.65 13.31
CA SER A 164 6.82 17.07 11.99
C SER A 164 6.95 15.54 12.10
N LYS A 165 6.97 14.87 10.95
CA LYS A 165 7.20 13.43 10.97
C LYS A 165 8.56 13.11 11.55
N ASN A 166 9.59 13.92 11.25
CA ASN A 166 10.91 13.68 11.84
C ASN A 166 10.92 13.85 13.36
N ASP A 167 10.15 14.81 13.88
CA ASP A 167 10.10 14.99 15.35
C ASP A 167 9.55 13.74 16.03
N VAL A 168 8.57 13.09 15.42
CA VAL A 168 7.99 11.88 15.98
C VAL A 168 9.01 10.76 16.02
N PHE A 169 9.72 10.56 14.91
CA PHE A 169 10.73 9.52 14.84
C PHE A 169 11.82 9.76 15.87
N GLU A 170 12.32 11.01 15.94
CA GLU A 170 13.39 11.33 16.88
C GLU A 170 12.93 11.18 18.34
N LEU A 171 11.74 11.70 18.67
CA LEU A 171 11.31 11.58 20.06
C LEU A 171 11.10 10.11 20.42
N SER A 172 10.52 9.35 19.50
CA SER A 172 10.34 7.91 19.70
C SER A 172 11.68 7.25 19.99
N ASN A 173 12.72 7.58 19.23
CA ASN A 173 13.99 6.92 19.50
C ASN A 173 14.51 7.30 20.88
N TYR A 174 14.43 8.59 21.25
CA TYR A 174 14.91 9.01 22.56
C TYR A 174 14.17 8.31 23.69
N LEU A 175 12.88 8.03 23.51
CA LEU A 175 12.10 7.33 24.52
C LEU A 175 12.12 5.84 24.32
N LYS A 176 12.96 5.34 23.41
CA LYS A 176 13.14 3.90 23.20
C LYS A 176 11.84 3.22 22.79
N ILE A 177 11.08 3.89 21.93
CA ILE A 177 9.94 3.26 21.28
C ILE A 177 10.38 2.76 19.92
N ASP A 178 10.27 1.45 19.70
CA ASP A 178 10.62 0.88 18.41
C ASP A 178 9.66 1.35 17.34
N ILE A 179 10.20 1.74 16.20
CA ILE A 179 9.40 2.02 15.01
C ILE A 179 9.01 0.68 14.40
N PRO A 180 7.73 0.39 14.21
CA PRO A 180 7.33 -0.94 13.76
C PRO A 180 7.86 -1.24 12.37
N LYS A 181 8.17 -2.52 12.15
CA LYS A 181 8.66 -3.03 10.88
C LYS A 181 7.49 -3.08 9.88
N LYS A 182 7.77 -3.51 8.65
CA LYS A 182 6.76 -3.50 7.61
C LYS A 182 5.78 -4.65 7.79
N ASP A 183 4.50 -4.37 7.56
CA ASP A 183 3.47 -5.39 7.70
C ASP A 183 3.68 -6.49 6.66
N THR A 184 3.32 -7.71 7.07
CA THR A 184 3.57 -8.91 6.27
C THR A 184 3.09 -8.77 4.83
N CYS A 185 4.00 -9.03 3.89
CA CYS A 185 3.75 -8.96 2.45
C CYS A 185 3.40 -7.55 2.00
N MET A 186 3.84 -6.54 2.73
CA MET A 186 3.54 -5.15 2.42
C MET A 186 4.61 -4.23 2.98
N ILE A 195 -4.97 5.33 -4.81
CA ILE A 195 -5.30 4.31 -5.81
C ILE A 195 -6.69 4.60 -6.40
N SER A 196 -6.90 5.82 -6.89
CA SER A 196 -8.19 6.15 -7.47
C SER A 196 -8.28 5.63 -8.92
N LYS A 197 -9.50 5.67 -9.46
CA LYS A 197 -9.71 5.19 -10.82
C LYS A 197 -9.02 6.09 -11.85
N GLU A 198 -8.96 7.40 -11.58
CA GLU A 198 -8.24 8.31 -12.47
C GLU A 198 -6.77 7.98 -12.52
N ASN A 199 -6.19 7.57 -11.39
CA ASN A 199 -4.76 7.29 -11.37
C ASN A 199 -4.46 5.88 -11.86
N MET A 200 -5.37 4.92 -11.60
CA MET A 200 -5.30 3.64 -12.30
C MET A 200 -5.41 3.84 -13.80
N ALA A 201 -6.30 4.75 -14.23
CA ALA A 201 -6.45 5.04 -15.65
C ALA A 201 -5.21 5.72 -16.21
N LYS A 202 -4.73 6.77 -15.53
CA LYS A 202 -3.54 7.46 -16.00
C LYS A 202 -2.35 6.50 -16.12
N SER A 203 -2.10 5.71 -15.07
CA SER A 203 -1.02 4.73 -15.10
C SER A 203 -1.14 3.79 -16.29
N ASN A 204 -2.35 3.26 -16.49
CA ASN A 204 -2.58 2.26 -17.53
C ASN A 204 -2.26 2.86 -18.91
N LEU A 205 -2.69 4.10 -19.15
CA LEU A 205 -2.39 4.78 -20.41
C LEU A 205 -0.89 5.00 -20.58
N ALA A 206 -0.17 5.23 -19.48
CA ALA A 206 1.27 5.42 -19.56
C ALA A 206 1.98 4.13 -19.94
N GLU A 207 1.58 3.02 -19.34
CA GLU A 207 2.13 1.72 -19.73
C GLU A 207 1.86 1.45 -21.20
N GLU A 208 0.60 1.62 -21.63
CA GLU A 208 0.24 1.38 -23.02
C GLU A 208 1.08 2.22 -23.97
N PHE A 209 1.34 3.49 -23.62
CA PHE A 209 2.13 4.36 -24.48
C PHE A 209 3.55 3.83 -24.64
N ILE A 210 4.22 3.55 -23.51
CA ILE A 210 5.63 3.18 -23.56
C ILE A 210 5.81 1.80 -24.18
N LYS A 211 4.93 0.86 -23.85
CA LYS A 211 5.02 -0.49 -24.39
C LYS A 211 4.91 -0.49 -25.92
N LEU A 212 3.90 0.20 -26.44
CA LEU A 212 3.65 0.19 -27.88
C LEU A 212 4.73 0.92 -28.66
N ASN A 213 5.32 1.96 -28.06
CA ASN A 213 6.21 2.83 -28.82
C ASN A 213 7.66 2.36 -28.84
N PHE A 214 8.14 1.73 -27.78
CA PHE A 214 9.57 1.39 -27.66
C PHE A 214 9.86 -0.11 -27.72
N HIS A 215 8.86 -0.92 -28.10
CA HIS A 215 9.03 -2.38 -28.22
C HIS A 215 9.42 -3.03 -26.90
N ILE A 216 8.70 -2.65 -25.83
CA ILE A 216 8.99 -3.15 -24.48
C ILE A 216 8.11 -4.40 -24.31
N GLU A 217 8.58 -5.51 -24.88
CA GLU A 217 7.81 -6.76 -24.81
C GLU A 217 7.67 -7.24 -23.36
N SER A 218 8.76 -7.20 -22.60
CA SER A 218 8.77 -7.73 -21.25
C SER A 218 8.11 -6.76 -20.28
N TYR A 219 8.37 -6.94 -18.98
CA TYR A 219 7.68 -6.22 -17.91
C TYR A 219 7.88 -4.72 -18.02
N LEU A 220 6.76 -3.98 -18.00
CA LEU A 220 6.75 -2.52 -17.94
C LEU A 220 5.56 -2.06 -17.12
N ARG A 221 5.81 -1.23 -16.11
CA ARG A 221 4.76 -0.66 -15.26
C ARG A 221 5.07 0.79 -14.95
N VAL A 222 4.02 1.55 -14.66
CA VAL A 222 4.12 2.97 -14.37
C VAL A 222 3.46 3.20 -13.02
N ARG A 223 4.27 3.36 -11.97
CA ARG A 223 3.77 3.64 -10.64
C ARG A 223 3.53 5.14 -10.48
N TYR A 224 2.54 5.48 -9.67
CA TYR A 224 2.14 6.87 -9.45
C TYR A 224 2.23 7.17 -7.97
N LEU A 225 3.02 8.19 -7.62
CA LEU A 225 2.99 8.78 -6.29
C LEU A 225 2.88 10.29 -6.45
N GLU A 226 1.80 10.87 -5.91
CA GLU A 226 1.58 12.32 -5.91
C GLU A 226 1.64 12.90 -7.32
N ASN A 227 1.02 12.20 -8.28
CA ASN A 227 0.96 12.61 -9.68
C ASN A 227 2.35 12.64 -10.34
N ILE A 228 3.25 11.78 -9.87
CA ILE A 228 4.56 11.57 -10.48
C ILE A 228 4.62 10.16 -11.05
N ALA A 229 5.04 10.03 -12.31
CA ALA A 229 5.10 8.74 -12.98
C ALA A 229 6.42 8.05 -12.64
N ILE A 230 6.35 6.90 -11.95
CA ILE A 230 7.51 6.05 -11.69
C ILE A 230 7.46 4.88 -12.68
N ILE A 231 8.42 4.84 -13.61
CA ILE A 231 8.46 3.78 -14.62
C ILE A 231 9.33 2.65 -14.11
N GLU A 232 8.82 1.43 -14.24
CA GLU A 232 9.55 0.21 -13.89
C GLU A 232 9.69 -0.69 -15.11
N LEU A 233 10.81 -1.40 -15.19
CA LEU A 233 11.08 -2.30 -16.31
C LEU A 233 12.33 -3.14 -16.02
N THR A 234 12.57 -4.12 -16.88
CA THR A 234 13.65 -5.10 -16.75
C THR A 234 14.94 -4.60 -17.36
N LYS A 235 16.06 -5.26 -17.02
CA LYS A 235 17.35 -4.84 -17.53
C LYS A 235 17.39 -4.95 -19.05
N ASN A 236 16.92 -6.08 -19.60
CA ASN A 236 17.05 -6.31 -21.03
C ASN A 236 16.30 -5.26 -21.83
N GLU A 237 15.10 -4.89 -21.39
CA GLU A 237 14.34 -3.83 -22.05
C GLU A 237 15.01 -2.47 -21.89
N SER A 238 15.78 -2.28 -20.79
CA SER A 238 16.30 -0.97 -20.44
C SER A 238 17.16 -0.37 -21.55
N GLU A 239 17.83 -1.21 -22.32
CA GLU A 239 18.68 -0.72 -23.39
C GLU A 239 17.90 0.12 -24.39
N LYS A 240 16.58 -0.12 -24.50
CA LYS A 240 15.79 0.55 -25.54
C LYS A 240 15.62 2.04 -25.28
N ILE A 241 15.38 2.42 -24.02
CA ILE A 241 15.05 3.81 -23.68
C ILE A 241 16.25 4.71 -23.41
N PHE A 242 17.48 4.17 -23.43
CA PHE A 242 18.64 4.90 -22.90
C PHE A 242 18.91 6.21 -23.64
N ASP A 243 18.67 6.27 -24.95
CA ASP A 243 18.96 7.46 -25.74
C ASP A 243 18.13 8.66 -25.29
N ASN A 244 18.76 9.85 -25.30
CA ASN A 244 18.09 11.08 -24.86
C ASN A 244 16.77 11.30 -25.58
N ASP A 245 16.74 11.01 -26.88
CA ASP A 245 15.52 11.15 -27.69
C ASP A 245 14.30 10.50 -27.02
N SER A 246 14.42 9.21 -26.69
CA SER A 246 13.34 8.49 -26.02
C SER A 246 12.87 9.22 -24.76
N ILE A 247 13.81 9.61 -23.89
CA ILE A 247 13.45 10.25 -22.63
C ILE A 247 12.73 11.57 -22.88
N GLU A 248 13.18 12.33 -23.88
CA GLU A 248 12.52 13.60 -24.20
C GLU A 248 11.07 13.38 -24.62
N ARG A 249 10.82 12.36 -25.46
CA ARG A 249 9.46 12.02 -25.86
C ARG A 249 8.66 11.46 -24.68
N ILE A 250 9.26 10.55 -23.91
CA ILE A 250 8.53 9.93 -22.82
C ILE A 250 8.23 10.96 -21.73
N ASN A 251 9.11 11.94 -21.53
CA ASN A 251 8.89 12.92 -20.48
C ASN A 251 7.77 13.88 -20.84
N THR A 252 7.70 14.28 -22.12
CA THR A 252 6.64 15.19 -22.53
C THR A 252 5.28 14.48 -22.58
N GLU A 253 5.24 13.24 -23.07
CA GLU A 253 3.95 12.59 -23.32
C GLU A 253 3.32 12.09 -22.03
N LEU A 254 4.13 11.56 -21.09
CA LEU A 254 3.57 11.16 -19.81
C LEU A 254 3.13 12.36 -18.98
N LYS A 255 3.50 13.57 -19.40
CA LYS A 255 2.94 14.78 -18.83
C LYS A 255 1.71 15.24 -19.57
N LYS A 256 1.51 14.77 -20.81
CA LYS A 256 0.26 15.03 -21.51
C LYS A 256 -0.91 14.40 -20.77
N ILE A 257 -0.69 13.23 -20.15
CA ILE A 257 -1.70 12.64 -19.30
C ILE A 257 -1.86 13.44 -18.01
N GLY A 258 -0.94 14.35 -17.71
CA GLY A 258 -1.00 15.19 -16.54
C GLY A 258 -0.19 14.74 -15.34
N PHE A 259 0.56 13.65 -15.46
CA PHE A 259 1.49 13.24 -14.40
C PHE A 259 2.55 14.32 -14.15
N VAL A 262 8.05 13.12 -14.54
CA VAL A 262 8.26 11.77 -15.06
C VAL A 262 9.66 11.28 -14.70
N VAL A 263 9.73 10.08 -14.13
CA VAL A 263 10.95 9.60 -13.48
C VAL A 263 11.04 8.08 -13.66
N LEU A 264 12.27 7.56 -13.70
CA LEU A 264 12.53 6.15 -13.96
C LEU A 264 13.21 5.53 -12.74
N ASP A 265 12.59 4.50 -12.17
CA ASP A 265 13.19 3.79 -11.05
C ASP A 265 14.46 3.09 -11.51
N LEU A 266 15.58 3.41 -10.86
CA LEU A 266 16.86 2.86 -11.29
C LEU A 266 17.11 1.44 -10.78
N ASN A 267 16.24 0.92 -9.91
CA ASN A 267 16.30 -0.47 -9.46
C ASN A 267 15.48 -1.32 -10.43
N PHE A 268 16.14 -1.90 -11.42
CA PHE A 268 15.49 -2.74 -12.43
C PHE A 268 15.25 -4.18 -11.97
N PRO B 11 -16.21 -15.36 -32.73
CA PRO B 11 -16.03 -14.48 -31.55
C PRO B 11 -17.18 -13.45 -31.42
N MET B 12 -17.64 -13.26 -30.21
CA MET B 12 -18.78 -12.40 -29.96
C MET B 12 -18.36 -11.01 -29.47
N ILE B 13 -17.14 -10.88 -28.99
CA ILE B 13 -16.55 -9.58 -28.70
C ILE B 13 -15.45 -9.35 -29.72
N ILE B 14 -15.32 -8.11 -30.20
CA ILE B 14 -14.17 -7.71 -31.00
C ILE B 14 -13.13 -7.08 -30.06
N MET B 15 -11.94 -7.68 -30.06
CA MET B 15 -10.81 -7.22 -29.25
C MET B 15 -9.54 -7.61 -29.99
N GLU B 16 -8.43 -6.95 -29.62
CA GLU B 16 -7.13 -7.25 -30.23
C GLU B 16 -6.82 -8.73 -30.14
N LYS B 17 -6.25 -9.25 -31.25
CA LYS B 17 -6.01 -10.68 -31.40
C LYS B 17 -5.19 -11.25 -30.25
N GLY B 18 -4.18 -10.51 -29.79
CA GLY B 18 -3.39 -10.97 -28.65
C GLY B 18 -4.24 -11.25 -27.42
N LEU B 19 -5.13 -10.32 -27.09
CA LEU B 19 -5.97 -10.52 -25.91
C LEU B 19 -7.01 -11.61 -26.15
N LEU B 20 -7.55 -11.67 -27.37
CA LEU B 20 -8.54 -12.67 -27.74
C LEU B 20 -7.99 -14.07 -27.62
N GLU B 21 -6.74 -14.29 -28.06
CA GLU B 21 -6.12 -15.59 -27.89
C GLU B 21 -5.99 -15.95 -26.40
N LYS B 22 -5.56 -15.00 -25.57
CA LYS B 22 -5.45 -15.28 -24.14
C LYS B 22 -6.80 -15.63 -23.55
N TYR B 23 -7.83 -14.86 -23.91
CA TYR B 23 -9.17 -15.12 -23.40
C TYR B 23 -9.67 -16.48 -23.86
N ASN B 24 -9.46 -16.82 -25.14
CA ASN B 24 -9.91 -18.12 -25.63
C ASN B 24 -9.21 -19.27 -24.90
N SER B 25 -7.90 -19.12 -24.66
CA SER B 25 -7.16 -20.15 -23.92
C SER B 25 -7.79 -20.38 -22.55
N LEU B 26 -8.17 -19.30 -21.85
CA LEU B 26 -8.87 -19.44 -20.59
C LEU B 26 -10.19 -20.19 -20.75
N LEU B 27 -10.96 -19.86 -21.79
CA LEU B 27 -12.24 -20.51 -22.01
C LEU B 27 -12.08 -22.02 -22.16
N GLU B 28 -11.13 -22.46 -22.99
CA GLU B 28 -10.94 -23.90 -23.18
C GLU B 28 -10.41 -24.56 -21.92
N PHE B 29 -9.56 -23.86 -21.17
CA PHE B 29 -8.90 -24.48 -20.04
C PHE B 29 -9.88 -24.81 -18.93
N PHE B 30 -10.89 -23.99 -18.74
CA PHE B 30 -11.84 -24.22 -17.67
C PHE B 30 -12.89 -25.25 -18.03
N LYS B 31 -13.07 -25.52 -19.33
CA LYS B 31 -14.15 -26.35 -19.81
C LYS B 31 -14.12 -27.74 -19.16
N ASN B 32 -15.25 -28.12 -18.57
CA ASN B 32 -15.48 -29.43 -17.97
C ASN B 32 -14.65 -29.67 -16.72
N LYS B 33 -14.14 -28.61 -16.09
CA LYS B 33 -13.39 -28.75 -14.85
C LYS B 33 -14.20 -28.17 -13.69
N LYS B 34 -13.97 -28.73 -12.50
CA LYS B 34 -14.47 -28.13 -11.27
C LYS B 34 -13.34 -27.34 -10.66
N VAL B 35 -13.56 -26.04 -10.50
CA VAL B 35 -12.49 -25.07 -10.30
C VAL B 35 -12.67 -24.42 -8.94
N ILE B 36 -11.65 -24.52 -8.11
CA ILE B 36 -11.57 -23.75 -6.88
C ILE B 36 -10.77 -22.52 -7.26
N VAL B 37 -11.30 -21.34 -6.97
CA VAL B 37 -10.59 -20.09 -7.24
C VAL B 37 -10.21 -19.47 -5.92
N ALA B 38 -8.92 -19.21 -5.76
CA ALA B 38 -8.42 -18.46 -4.61
C ALA B 38 -8.76 -16.99 -4.83
N TYR B 39 -9.76 -16.49 -4.10
CA TYR B 39 -10.41 -15.21 -4.40
C TYR B 39 -10.15 -14.21 -3.28
N SER B 40 -9.53 -13.08 -3.63
CA SER B 40 -9.23 -12.05 -2.64
C SER B 40 -10.13 -10.84 -2.79
N GLY B 41 -10.95 -10.79 -3.84
CA GLY B 41 -11.76 -9.64 -4.12
C GLY B 41 -11.11 -8.60 -5.00
N GLY B 42 -9.81 -8.67 -5.23
CA GLY B 42 -9.16 -7.70 -6.08
C GLY B 42 -9.50 -7.89 -7.55
N VAL B 43 -9.05 -6.93 -8.35
CA VAL B 43 -9.32 -6.92 -9.79
C VAL B 43 -8.85 -8.21 -10.46
N ASP B 44 -7.64 -8.69 -10.14
CA ASP B 44 -7.05 -9.83 -10.86
C ASP B 44 -7.80 -11.13 -10.57
N SER B 45 -8.03 -11.44 -9.29
CA SER B 45 -8.73 -12.66 -8.95
C SER B 45 -10.24 -12.57 -9.19
N THR B 46 -10.81 -11.34 -9.22
CA THR B 46 -12.20 -11.19 -9.69
C THR B 46 -12.33 -11.56 -11.16
N LEU B 47 -11.35 -11.17 -11.98
CA LEU B 47 -11.45 -11.43 -13.40
C LEU B 47 -11.50 -12.93 -13.67
N ILE B 48 -10.57 -13.70 -13.06
CA ILE B 48 -10.52 -15.12 -13.34
C ILE B 48 -11.66 -15.88 -12.65
N SER B 49 -12.14 -15.38 -11.50
CA SER B 49 -13.31 -16.03 -10.89
C SER B 49 -14.51 -15.93 -11.81
N LYS B 50 -14.74 -14.75 -12.38
CA LYS B 50 -15.88 -14.53 -13.27
C LYS B 50 -15.76 -15.36 -14.54
N ILE B 51 -14.56 -15.44 -15.12
CA ILE B 51 -14.40 -16.24 -16.33
C ILE B 51 -14.62 -17.72 -16.01
N ALA B 52 -14.03 -18.20 -14.92
CA ALA B 52 -14.25 -19.58 -14.52
C ALA B 52 -15.73 -19.84 -14.27
N SER B 53 -16.38 -19.03 -13.45
CA SER B 53 -17.77 -19.34 -13.09
C SER B 53 -18.71 -19.26 -14.29
N ASP B 54 -18.41 -18.42 -15.28
CA ASP B 54 -19.29 -18.37 -16.45
C ASP B 54 -19.15 -19.63 -17.31
N ASN B 55 -18.07 -20.39 -17.14
CA ASN B 55 -17.74 -21.49 -18.06
C ASN B 55 -17.54 -22.84 -17.38
N ALA B 56 -17.65 -22.90 -16.06
CA ALA B 56 -17.36 -24.14 -15.37
C ALA B 56 -17.96 -24.08 -13.99
N GLN B 57 -18.10 -25.26 -13.39
CA GLN B 57 -18.48 -25.33 -11.99
C GLN B 57 -17.34 -24.76 -11.16
N THR B 58 -17.62 -23.69 -10.42
CA THR B 58 -16.56 -22.91 -9.81
C THR B 58 -16.96 -22.56 -8.40
N LEU B 59 -15.99 -22.53 -7.48
CA LEU B 59 -16.19 -21.96 -6.16
C LEU B 59 -15.06 -21.00 -5.85
N ALA B 60 -15.39 -19.73 -5.63
CA ALA B 60 -14.38 -18.76 -5.19
C ALA B 60 -14.24 -18.86 -3.67
N VAL B 61 -13.02 -19.05 -3.20
CA VAL B 61 -12.79 -19.29 -1.78
C VAL B 61 -11.92 -18.16 -1.26
N THR B 62 -12.41 -17.48 -0.23
CA THR B 62 -11.64 -16.45 0.45
C THR B 62 -11.21 -17.00 1.79
N ILE B 63 -9.91 -17.05 2.02
CA ILE B 63 -9.38 -17.47 3.32
C ILE B 63 -9.24 -16.21 4.18
N ASP B 64 -9.95 -16.22 5.30
CA ASP B 64 -9.88 -15.16 6.29
C ASP B 64 -8.90 -15.62 7.37
N ASN B 65 -7.65 -15.17 7.24
CA ASN B 65 -6.57 -15.52 8.17
C ASN B 65 -6.29 -14.43 9.19
N GLY B 66 -7.14 -13.40 9.25
CA GLY B 66 -6.96 -12.26 10.12
C GLY B 66 -6.17 -11.08 9.55
N PHE B 67 -5.69 -11.17 8.30
CA PHE B 67 -4.97 -10.06 7.68
C PHE B 67 -5.86 -9.22 6.77
N PHE B 68 -7.13 -9.59 6.62
CA PHE B 68 -8.09 -8.79 5.85
C PHE B 68 -9.19 -8.34 6.81
N SER B 69 -9.51 -7.05 6.78
CA SER B 69 -10.57 -6.51 7.62
C SER B 69 -11.94 -7.03 7.17
N GLU B 70 -12.93 -6.87 8.04
CA GLU B 70 -14.31 -7.22 7.71
C GLU B 70 -14.81 -6.46 6.48
N ASN B 71 -14.52 -5.15 6.41
CA ASN B 71 -14.95 -4.35 5.28
C ASN B 71 -14.44 -4.93 3.96
N VAL B 72 -13.16 -5.30 3.93
CA VAL B 72 -12.59 -5.90 2.72
C VAL B 72 -13.27 -7.23 2.40
N ILE B 73 -13.46 -8.08 3.43
CA ILE B 73 -14.13 -9.38 3.24
C ILE B 73 -15.56 -9.18 2.76
N LYS B 74 -16.28 -8.25 3.38
CA LYS B 74 -17.65 -7.99 2.97
C LYS B 74 -17.72 -7.50 1.52
N LYS B 75 -16.78 -6.63 1.13
CA LYS B 75 -16.78 -6.12 -0.23
C LYS B 75 -16.49 -7.25 -1.21
N ALA B 76 -15.59 -8.16 -0.84
CA ALA B 76 -15.31 -9.27 -1.73
C ALA B 76 -16.54 -10.16 -1.89
N GLU B 77 -17.25 -10.43 -0.80
CA GLU B 77 -18.45 -11.26 -0.85
C GLU B 77 -19.53 -10.61 -1.72
N ASN B 78 -19.78 -9.31 -1.50
CA ASN B 78 -20.81 -8.60 -2.26
C ASN B 78 -20.45 -8.53 -3.73
N ARG B 79 -19.16 -8.42 -4.03
CA ARG B 79 -18.70 -8.35 -5.41
C ARG B 79 -18.89 -9.70 -6.11
N ALA B 80 -18.67 -10.82 -5.41
CA ALA B 80 -18.98 -12.12 -5.99
C ALA B 80 -20.48 -12.30 -6.23
N LYS B 81 -21.31 -11.90 -5.26
CA LYS B 81 -22.75 -12.00 -5.46
C LYS B 81 -23.18 -11.17 -6.67
N LYS B 82 -22.59 -9.98 -6.83
CA LYS B 82 -22.95 -9.11 -7.94
C LYS B 82 -22.69 -9.77 -9.29
N TYR B 83 -21.62 -10.58 -9.39
CA TYR B 83 -21.29 -11.21 -10.66
C TYR B 83 -21.72 -12.68 -10.71
N ASN B 84 -22.62 -13.11 -9.82
CA ASN B 84 -23.11 -14.50 -9.76
C ASN B 84 -21.96 -15.51 -9.66
N ILE B 85 -20.92 -15.17 -8.91
CA ILE B 85 -19.81 -16.07 -8.65
C ILE B 85 -20.07 -16.77 -7.31
N PRO B 86 -20.23 -18.09 -7.28
CA PRO B 86 -20.37 -18.78 -5.98
C PRO B 86 -19.13 -18.52 -5.15
N GLN B 87 -19.33 -18.16 -3.88
CA GLN B 87 -18.22 -17.77 -3.05
C GLN B 87 -18.46 -18.19 -1.60
N LYS B 88 -17.40 -18.69 -0.96
CA LYS B 88 -17.40 -18.93 0.49
C LYS B 88 -16.13 -18.37 1.10
N THR B 89 -16.32 -17.77 2.28
CA THR B 89 -15.25 -17.26 3.13
C THR B 89 -15.00 -18.29 4.21
N ILE B 90 -13.78 -18.82 4.27
CA ILE B 90 -13.38 -19.83 5.25
C ILE B 90 -12.37 -19.21 6.20
N LYS B 91 -12.61 -19.33 7.49
CA LYS B 91 -11.76 -18.70 8.49
C LYS B 91 -10.75 -19.70 9.05
N ILE B 92 -9.50 -19.25 9.18
CA ILE B 92 -8.46 -19.97 9.90
C ILE B 92 -7.91 -19.00 10.93
N ASP B 93 -7.54 -19.50 12.09
CA ASP B 93 -6.87 -18.61 13.05
C ASP B 93 -5.37 -18.76 12.86
N TYR B 94 -4.87 -18.11 11.82
CA TYR B 94 -3.45 -18.19 11.56
C TYR B 94 -2.64 -17.47 12.64
N LEU B 95 -3.15 -16.35 13.14
CA LEU B 95 -2.38 -15.56 14.09
C LEU B 95 -1.95 -16.39 15.30
N ASN B 96 -2.81 -17.32 15.75
CA ASN B 96 -2.43 -18.12 16.91
C ASN B 96 -1.40 -19.18 16.57
N GLU B 97 -1.30 -19.56 15.28
CA GLU B 97 -0.24 -20.46 14.83
C GLU B 97 0.74 -19.57 14.06
N ILE B 98 1.77 -19.11 14.75
CA ILE B 98 2.78 -18.22 14.17
C ILE B 98 3.92 -19.07 13.61
N THR B 99 3.98 -19.17 12.28
CA THR B 99 4.97 -19.95 11.55
C THR B 99 4.78 -21.43 11.85
N ASP B 102 9.46 -15.82 11.40
CA ASP B 102 10.79 -15.53 10.85
C ASP B 102 10.78 -14.20 10.10
N LEU B 103 11.97 -13.68 9.82
CA LEU B 103 12.12 -12.38 9.16
C LEU B 103 11.52 -12.43 7.75
N GLU B 104 10.26 -11.99 7.63
CA GLU B 104 9.53 -11.90 6.36
C GLU B 104 9.29 -13.29 5.76
N ASN B 105 9.94 -14.32 6.30
CA ASN B 105 9.52 -15.67 5.98
C ASN B 105 8.09 -15.86 6.40
N ARG B 106 7.56 -14.91 7.18
CA ARG B 106 6.14 -14.86 7.45
C ARG B 106 5.34 -14.78 6.17
N CYS B 107 5.81 -13.99 5.19
CA CYS B 107 5.12 -13.91 3.91
C CYS B 107 4.94 -15.30 3.33
N TYR B 108 6.04 -16.03 3.16
CA TYR B 108 5.94 -17.37 2.59
C TYR B 108 5.05 -18.25 3.47
N ASN B 109 5.27 -18.22 4.79
CA ASN B 109 4.54 -19.08 5.69
C ASN B 109 3.08 -18.67 5.80
N CYS B 110 2.81 -17.36 5.79
CA CYS B 110 1.44 -16.88 5.81
C CYS B 110 0.71 -17.31 4.55
N LYS B 111 1.32 -17.11 3.39
CA LYS B 111 0.72 -17.53 2.14
C LYS B 111 0.62 -19.04 2.04
N LYS B 112 1.62 -19.76 2.56
CA LYS B 112 1.56 -21.22 2.55
C LYS B 112 0.38 -21.73 3.34
N ARG B 113 0.04 -21.08 4.45
CA ARG B 113 -1.09 -21.54 5.24
C ARG B 113 -2.39 -21.31 4.47
N ILE B 114 -2.47 -20.22 3.72
CA ILE B 114 -3.63 -19.99 2.85
C ILE B 114 -3.66 -21.04 1.74
N ALA B 115 -2.51 -21.30 1.13
CA ALA B 115 -2.45 -22.32 0.08
C ALA B 115 -2.85 -23.69 0.61
N GLU B 116 -2.44 -24.02 1.85
CA GLU B 116 -2.74 -25.33 2.41
C GLU B 116 -4.22 -25.54 2.67
N GLU B 117 -4.93 -24.56 3.25
CA GLU B 117 -6.37 -24.64 3.08
C GLU B 117 -6.60 -24.42 1.60
N LEU B 118 -7.79 -24.68 1.11
CA LEU B 118 -8.04 -24.56 -0.33
C LEU B 118 -7.59 -25.88 -0.95
N LYS B 119 -6.34 -26.29 -0.71
CA LYS B 119 -5.97 -27.64 -1.12
C LYS B 119 -6.74 -28.66 -0.32
N ARG B 120 -6.87 -28.42 0.99
CA ARG B 120 -7.79 -29.22 1.77
C ARG B 120 -9.22 -29.07 1.23
N ILE B 121 -9.63 -27.84 0.88
CA ILE B 121 -10.99 -27.63 0.42
C ILE B 121 -11.21 -28.30 -0.93
N LYS B 122 -10.21 -28.24 -1.80
CA LYS B 122 -10.34 -28.89 -3.09
C LYS B 122 -10.48 -30.40 -2.94
N ASN B 123 -9.70 -31.01 -2.05
CA ASN B 123 -9.81 -32.46 -1.84
C ASN B 123 -11.13 -32.84 -1.19
N GLU B 124 -11.57 -32.09 -0.16
CA GLU B 124 -12.85 -32.37 0.50
C GLU B 124 -14.02 -32.34 -0.47
N LEU B 125 -14.02 -31.38 -1.40
CA LEU B 125 -15.10 -31.18 -2.33
C LEU B 125 -14.91 -31.96 -3.62
N ASN B 126 -13.79 -32.66 -3.76
CA ASN B 126 -13.49 -33.45 -4.95
C ASN B 126 -13.50 -32.56 -6.21
N TYR B 127 -12.97 -31.35 -6.10
CA TYR B 127 -12.82 -30.47 -7.26
C TYR B 127 -11.54 -30.82 -8.02
N ASP B 128 -11.38 -30.22 -9.19
CA ASP B 128 -10.28 -30.67 -10.03
C ASP B 128 -9.01 -29.85 -9.90
N ILE B 129 -9.12 -28.53 -9.84
CA ILE B 129 -7.95 -27.65 -9.85
C ILE B 129 -8.21 -26.49 -8.90
N ILE B 130 -7.10 -25.87 -8.50
CA ILE B 130 -7.10 -24.58 -7.82
C ILE B 130 -6.37 -23.60 -8.73
N VAL B 131 -6.97 -22.42 -8.92
CA VAL B 131 -6.33 -21.35 -9.69
C VAL B 131 -6.28 -20.11 -8.82
N ASP B 132 -5.35 -19.21 -9.13
CA ASP B 132 -5.32 -17.95 -8.40
C ASP B 132 -5.31 -16.80 -9.39
N GLY B 133 -5.12 -15.58 -8.88
CA GLY B 133 -5.20 -14.40 -9.70
C GLY B 133 -3.86 -13.76 -9.93
N THR B 134 -2.78 -14.48 -9.65
CA THR B 134 -1.44 -13.97 -9.95
C THR B 134 -1.31 -13.73 -11.45
N ILE B 135 -0.79 -12.56 -11.81
CA ILE B 135 -0.62 -12.20 -13.21
C ILE B 135 0.87 -12.18 -13.56
N TYR B 136 1.13 -12.09 -14.87
CA TYR B 136 2.49 -12.14 -15.38
C TYR B 136 3.36 -11.04 -14.77
N ASP B 137 2.84 -9.81 -14.68
CA ASP B 137 3.59 -8.71 -14.06
C ASP B 137 4.06 -9.07 -12.66
N ASP B 138 3.26 -9.88 -11.93
CA ASP B 138 3.57 -10.14 -10.53
C ASP B 138 4.87 -10.92 -10.36
N ILE B 139 5.19 -11.84 -11.29
CA ILE B 139 6.31 -12.75 -11.04
C ILE B 139 7.65 -12.08 -11.21
N PHE B 140 7.70 -10.85 -11.76
CA PHE B 140 8.93 -10.06 -11.80
C PHE B 140 9.21 -9.31 -10.52
N GLU B 141 8.20 -9.15 -9.67
CA GLU B 141 8.29 -8.46 -8.40
C GLU B 141 8.65 -9.43 -7.28
N ASP B 142 8.91 -8.88 -6.10
CA ASP B 142 9.29 -9.70 -4.96
C ASP B 142 8.00 -10.07 -4.21
N ARG B 143 7.40 -11.18 -4.61
CA ARG B 143 6.26 -11.72 -3.89
C ARG B 143 6.54 -13.14 -3.42
N PRO B 144 6.91 -13.32 -2.15
CA PRO B 144 7.33 -14.65 -1.67
C PRO B 144 6.22 -15.67 -1.76
N GLY B 145 4.97 -15.25 -1.55
CA GLY B 145 3.89 -16.20 -1.51
C GLY B 145 3.60 -16.87 -2.82
N ILE B 146 4.18 -16.38 -3.94
CA ILE B 146 3.99 -17.08 -5.20
C ILE B 146 4.63 -18.46 -5.15
N LYS B 147 5.81 -18.55 -4.52
CA LYS B 147 6.42 -19.86 -4.29
C LYS B 147 5.45 -20.74 -3.50
N ALA B 148 4.88 -20.18 -2.43
CA ALA B 148 4.08 -20.98 -1.52
C ALA B 148 2.86 -21.59 -2.22
N PHE B 149 2.23 -20.81 -3.09
CA PHE B 149 1.07 -21.32 -3.81
C PHE B 149 1.48 -22.41 -4.82
N ASN B 150 2.56 -22.18 -5.56
CA ASN B 150 3.08 -23.23 -6.46
C ASN B 150 3.30 -24.52 -5.71
N GLU B 151 3.78 -24.44 -4.47
CA GLU B 151 4.09 -25.66 -3.76
C GLU B 151 2.83 -26.44 -3.38
N SER B 152 1.65 -25.82 -3.48
CA SER B 152 0.38 -26.50 -3.31
C SER B 152 -0.30 -26.83 -4.63
N ASN B 153 0.40 -26.66 -5.76
CA ASN B 153 -0.11 -26.92 -7.11
C ASN B 153 -1.28 -26.01 -7.49
N ILE B 154 -1.26 -24.78 -6.98
CA ILE B 154 -2.23 -23.75 -7.36
C ILE B 154 -1.73 -23.10 -8.64
N ILE B 155 -2.53 -23.19 -9.70
CA ILE B 155 -2.16 -22.69 -11.02
C ILE B 155 -2.46 -21.19 -11.13
N SER B 156 -1.60 -20.47 -11.88
CA SER B 156 -1.79 -19.06 -12.20
C SER B 156 -2.01 -18.88 -13.69
N PRO B 157 -3.23 -19.09 -14.19
CA PRO B 157 -3.45 -19.04 -15.64
C PRO B 157 -3.19 -17.68 -16.24
N LEU B 158 -3.53 -16.60 -15.54
CA LEU B 158 -3.26 -15.28 -16.08
C LEU B 158 -1.77 -15.07 -16.25
N SER B 159 -0.97 -15.63 -15.35
CA SER B 159 0.48 -15.53 -15.51
C SER B 159 0.97 -16.42 -16.65
N ASN B 160 0.44 -17.64 -16.75
CA ASN B 160 0.79 -18.56 -17.84
C ASN B 160 0.47 -17.97 -19.21
N LEU B 161 -0.60 -17.20 -19.31
CA LEU B 161 -0.96 -16.61 -20.59
C LEU B 161 -0.37 -15.21 -20.78
N LYS B 162 0.50 -14.77 -19.86
CA LYS B 162 1.26 -13.52 -19.97
C LYS B 162 0.34 -12.30 -19.93
N PHE B 163 -0.66 -12.34 -19.05
CA PHE B 163 -1.52 -11.19 -18.86
C PHE B 163 -0.71 -10.08 -18.23
N SER B 164 -0.68 -8.92 -18.87
CA SER B 164 -0.23 -7.74 -18.18
C SER B 164 -1.38 -7.19 -17.36
N LYS B 165 -1.08 -6.17 -16.55
CA LYS B 165 -2.15 -5.48 -15.83
C LYS B 165 -3.08 -4.78 -16.81
N ASN B 166 -2.53 -4.21 -17.89
CA ASN B 166 -3.37 -3.61 -18.93
C ASN B 166 -4.29 -4.65 -19.55
N ASP B 167 -3.81 -5.87 -19.79
CA ASP B 167 -4.68 -6.91 -20.32
C ASP B 167 -5.81 -7.23 -19.37
N VAL B 168 -5.55 -7.17 -18.05
CA VAL B 168 -6.56 -7.42 -17.03
C VAL B 168 -7.65 -6.35 -17.07
N PHE B 169 -7.23 -5.07 -17.12
CA PHE B 169 -8.18 -3.98 -17.17
C PHE B 169 -9.04 -4.05 -18.43
N GLU B 170 -8.42 -4.24 -19.60
CA GLU B 170 -9.19 -4.33 -20.84
C GLU B 170 -10.13 -5.53 -20.85
N LEU B 171 -9.64 -6.72 -20.49
CA LEU B 171 -10.52 -7.87 -20.49
C LEU B 171 -11.65 -7.72 -19.46
N SER B 172 -11.36 -7.14 -18.27
CA SER B 172 -12.42 -6.88 -17.30
C SER B 172 -13.48 -5.99 -17.92
N ASN B 173 -13.07 -4.94 -18.62
CA ASN B 173 -14.03 -4.02 -19.19
C ASN B 173 -14.87 -4.71 -20.26
N TYR B 174 -14.25 -5.56 -21.09
CA TYR B 174 -15.03 -6.27 -22.10
C TYR B 174 -16.05 -7.19 -21.45
N LEU B 175 -15.73 -7.75 -20.30
CA LEU B 175 -16.65 -8.62 -19.61
C LEU B 175 -17.53 -7.87 -18.62
N LYS B 176 -17.47 -6.55 -18.62
CA LYS B 176 -18.34 -5.71 -17.81
C LYS B 176 -18.16 -5.98 -16.31
N ILE B 177 -16.90 -6.16 -15.90
CA ILE B 177 -16.54 -6.18 -14.50
C ILE B 177 -16.06 -4.79 -14.13
N ASP B 178 -16.77 -4.14 -13.21
CA ASP B 178 -16.40 -2.81 -12.73
C ASP B 178 -15.12 -2.87 -11.93
N ILE B 179 -14.26 -1.88 -12.13
CA ILE B 179 -13.09 -1.71 -11.28
C ILE B 179 -13.58 -1.10 -9.97
N PRO B 180 -13.35 -1.75 -8.82
CA PRO B 180 -13.90 -1.25 -7.55
C PRO B 180 -13.28 0.09 -7.13
N LYS B 181 -14.10 0.91 -6.47
CA LYS B 181 -13.60 2.19 -6.00
C LYS B 181 -12.72 2.02 -4.77
N LYS B 182 -12.08 3.12 -4.37
CA LYS B 182 -11.15 3.13 -3.25
C LYS B 182 -11.85 3.44 -1.93
N ASP B 183 -11.47 2.70 -0.87
CA ASP B 183 -11.91 3.07 0.47
C ASP B 183 -11.24 4.37 0.91
N THR B 184 -9.92 4.44 0.78
CA THR B 184 -9.06 5.57 1.11
C THR B 184 -9.23 6.17 2.51
N CYS B 185 -9.90 7.31 2.58
CA CYS B 185 -10.03 8.12 3.79
C CYS B 185 -8.63 8.70 4.10
N THR B 188 -4.73 12.12 -0.09
CA THR B 188 -4.71 12.80 -1.38
C THR B 188 -3.35 13.47 -1.64
N ARG B 189 -3.29 14.78 -1.42
CA ARG B 189 -1.99 15.44 -1.33
C ARG B 189 -1.22 14.90 -0.12
N ILE B 190 0.09 14.69 -0.28
CA ILE B 190 0.92 14.17 0.80
C ILE B 190 2.26 14.91 0.92
N PRO B 194 8.71 20.83 3.36
CA PRO B 194 9.85 19.91 3.29
C PRO B 194 10.89 20.19 4.37
N ILE B 195 11.15 19.21 5.24
CA ILE B 195 12.17 19.38 6.27
C ILE B 195 13.55 19.12 5.67
N SER B 196 14.53 19.92 6.10
CA SER B 196 15.94 19.82 5.66
C SER B 196 16.10 19.53 4.15
N GLU B 198 19.46 15.77 7.98
CA GLU B 198 19.59 14.37 7.63
C GLU B 198 19.35 14.17 6.15
N ASN B 199 18.31 14.84 5.65
CA ASN B 199 17.90 14.74 4.25
C ASN B 199 18.67 15.72 3.37
N MET B 200 18.97 16.91 3.89
CA MET B 200 19.94 17.77 3.23
C MET B 200 21.29 17.08 3.11
N ALA B 201 21.70 16.38 4.19
CA ALA B 201 22.98 15.67 4.18
C ALA B 201 22.98 14.54 3.16
N LYS B 202 21.93 13.71 3.18
CA LYS B 202 21.81 12.62 2.21
C LYS B 202 21.83 13.18 0.79
N SER B 203 21.07 14.26 0.54
CA SER B 203 21.01 14.89 -0.78
C SER B 203 22.40 15.30 -1.27
N ASN B 204 23.14 16.05 -0.44
CA ASN B 204 24.43 16.58 -0.85
C ASN B 204 25.44 15.47 -1.13
N LEU B 205 25.51 14.48 -0.23
CA LEU B 205 26.46 13.38 -0.42
C LEU B 205 26.12 12.57 -1.66
N ALA B 206 24.84 12.46 -1.99
CA ALA B 206 24.46 11.79 -3.22
C ALA B 206 24.94 12.59 -4.44
N GLU B 207 24.76 13.91 -4.41
CA GLU B 207 25.31 14.77 -5.45
C GLU B 207 26.83 14.64 -5.54
N GLU B 208 27.50 14.80 -4.39
CA GLU B 208 28.97 14.70 -4.36
C GLU B 208 29.46 13.35 -4.87
N PHE B 209 28.75 12.27 -4.52
CA PHE B 209 29.16 10.94 -4.99
C PHE B 209 29.12 10.87 -6.51
N ILE B 210 27.96 11.22 -7.10
CA ILE B 210 27.78 11.08 -8.54
C ILE B 210 28.64 12.10 -9.28
N LYS B 211 28.76 13.31 -8.72
CA LYS B 211 29.58 14.33 -9.35
C LYS B 211 31.02 13.84 -9.48
N LEU B 212 31.57 13.29 -8.39
CA LEU B 212 32.97 12.87 -8.39
C LEU B 212 33.21 11.65 -9.28
N ASN B 213 32.26 10.71 -9.32
CA ASN B 213 32.50 9.45 -10.00
C ASN B 213 32.16 9.48 -11.48
N PHE B 214 31.19 10.29 -11.89
CA PHE B 214 30.79 10.33 -13.29
C PHE B 214 31.26 11.61 -13.98
N HIS B 215 32.08 12.42 -13.28
CA HIS B 215 32.58 13.68 -13.80
C HIS B 215 31.43 14.58 -14.23
N ILE B 216 30.42 14.66 -13.38
CA ILE B 216 29.17 15.37 -13.71
C ILE B 216 29.37 16.81 -13.28
N GLU B 217 30.13 17.55 -14.09
CA GLU B 217 30.39 18.96 -13.81
C GLU B 217 29.12 19.77 -13.88
N SER B 218 28.24 19.48 -14.83
CA SER B 218 27.10 20.36 -15.05
C SER B 218 26.10 20.20 -13.91
N TYR B 219 25.01 20.96 -14.00
CA TYR B 219 24.08 21.09 -12.89
C TYR B 219 23.33 19.79 -12.64
N LEU B 220 23.35 19.32 -11.39
CA LEU B 220 22.57 18.15 -11.00
C LEU B 220 21.99 18.30 -9.61
N VAL B 222 20.18 16.09 -6.48
CA VAL B 222 19.41 14.95 -5.99
C VAL B 222 18.36 15.40 -4.99
N ARG B 223 17.10 15.42 -5.42
CA ARG B 223 15.99 15.82 -4.55
C ARG B 223 15.55 14.67 -3.64
N LEU B 225 12.44 13.35 -1.51
CA LEU B 225 11.08 13.17 -1.02
C LEU B 225 10.82 11.73 -0.52
N GLU B 226 10.45 11.62 0.77
CA GLU B 226 10.10 10.34 1.39
C GLU B 226 11.21 9.31 1.22
N ASN B 227 12.45 9.76 1.37
CA ASN B 227 13.63 8.90 1.27
C ASN B 227 13.76 8.27 -0.13
N ILE B 228 13.27 8.97 -1.15
CA ILE B 228 13.46 8.57 -2.54
C ILE B 228 14.33 9.63 -3.21
N ALA B 229 15.42 9.18 -3.84
CA ALA B 229 16.37 10.08 -4.49
C ALA B 229 15.88 10.41 -5.89
N ILE B 230 15.48 11.66 -6.10
CA ILE B 230 15.09 12.17 -7.41
C ILE B 230 16.28 12.93 -7.98
N ILE B 231 16.88 12.40 -9.02
CA ILE B 231 18.04 13.01 -9.65
C ILE B 231 17.59 13.87 -10.81
N GLU B 232 18.13 15.10 -10.90
CA GLU B 232 17.94 16.00 -12.03
C GLU B 232 19.29 16.24 -12.69
N LEU B 233 19.29 16.45 -14.01
CA LEU B 233 20.53 16.72 -14.74
C LEU B 233 20.22 17.15 -16.18
N THR B 234 21.26 17.63 -16.86
CA THR B 234 21.22 18.09 -18.24
C THR B 234 21.55 16.94 -19.21
N LYS B 235 21.23 17.17 -20.49
CA LYS B 235 21.36 16.12 -21.51
C LYS B 235 22.79 15.64 -21.69
N ASN B 236 23.76 16.58 -21.69
CA ASN B 236 25.13 16.21 -22.01
C ASN B 236 25.67 15.16 -21.05
N GLU B 237 25.40 15.33 -19.75
CA GLU B 237 25.77 14.29 -18.80
C GLU B 237 24.92 13.03 -18.97
N SER B 238 23.70 13.18 -19.49
CA SER B 238 22.73 12.08 -19.50
C SER B 238 23.24 10.87 -20.27
N GLU B 239 24.02 11.08 -21.33
CA GLU B 239 24.53 9.94 -22.09
C GLU B 239 25.42 9.05 -21.24
N LYS B 240 26.07 9.61 -20.21
CA LYS B 240 27.05 8.88 -19.43
C LYS B 240 26.41 7.79 -18.56
N ILE B 241 25.25 8.08 -17.97
CA ILE B 241 24.65 7.14 -17.03
C ILE B 241 23.87 6.04 -17.74
N PHE B 242 23.71 6.13 -19.06
CA PHE B 242 22.83 5.21 -19.77
C PHE B 242 23.30 3.77 -19.63
N ASP B 243 24.60 3.54 -19.52
CA ASP B 243 25.11 2.18 -19.33
C ASP B 243 24.63 1.64 -18.01
N ASN B 244 24.12 0.40 -18.03
CA ASN B 244 23.55 -0.22 -16.84
C ASN B 244 24.53 -0.23 -15.68
N ASP B 245 25.82 -0.48 -15.96
CA ASP B 245 26.85 -0.48 -14.93
C ASP B 245 26.72 0.74 -14.03
N SER B 246 26.71 1.93 -14.63
CA SER B 246 26.49 3.15 -13.86
C SER B 246 25.24 3.07 -12.99
N ILE B 247 24.11 2.68 -13.61
CA ILE B 247 22.84 2.65 -12.86
C ILE B 247 22.89 1.64 -11.73
N GLU B 248 23.51 0.48 -11.97
CA GLU B 248 23.64 -0.53 -10.92
C GLU B 248 24.47 0.01 -9.76
N ARG B 249 25.57 0.70 -10.06
CA ARG B 249 26.36 1.34 -9.01
C ARG B 249 25.59 2.49 -8.37
N ILE B 250 24.93 3.31 -9.18
CA ILE B 250 24.24 4.49 -8.64
C ILE B 250 23.06 4.09 -7.76
N ASN B 251 22.41 2.97 -8.06
CA ASN B 251 21.25 2.54 -7.29
C ASN B 251 21.67 1.95 -5.95
N THR B 252 22.77 1.19 -5.91
CA THR B 252 23.23 0.60 -4.66
C THR B 252 23.84 1.67 -3.74
N GLU B 253 24.60 2.61 -4.32
CA GLU B 253 25.33 3.56 -3.49
C GLU B 253 24.41 4.63 -2.93
N LEU B 254 23.46 5.12 -3.73
CA LEU B 254 22.49 6.06 -3.21
C LEU B 254 21.50 5.40 -2.26
N LYS B 255 21.50 4.07 -2.20
CA LYS B 255 20.75 3.33 -1.20
C LYS B 255 21.58 3.04 0.04
N LYS B 256 22.92 3.08 -0.09
CA LYS B 256 23.78 3.00 1.08
C LYS B 256 23.57 4.20 1.99
N ILE B 257 23.28 5.37 1.42
CA ILE B 257 22.92 6.54 2.21
C ILE B 257 21.56 6.35 2.88
N GLY B 258 20.85 5.27 2.53
CA GLY B 258 19.58 4.91 3.11
C GLY B 258 18.35 5.27 2.30
N PHE B 259 18.52 5.88 1.12
CA PHE B 259 17.39 6.05 0.22
C PHE B 259 16.87 4.67 -0.18
N GLU B 260 15.56 4.47 -0.05
CA GLU B 260 14.98 3.17 -0.35
C GLU B 260 14.80 2.94 -1.85
N LYS B 261 14.66 4.01 -2.64
CA LYS B 261 14.50 3.92 -4.08
C LYS B 261 15.28 5.03 -4.77
N VAL B 262 15.87 4.70 -5.92
CA VAL B 262 16.65 5.66 -6.70
C VAL B 262 15.95 5.83 -8.04
N VAL B 263 15.72 7.09 -8.44
CA VAL B 263 14.85 7.40 -9.57
C VAL B 263 15.41 8.64 -10.28
N LEU B 264 15.26 8.67 -11.61
CA LEU B 264 15.89 9.71 -12.44
C LEU B 264 14.85 10.51 -13.20
N ASP B 265 14.85 11.83 -13.01
CA ASP B 265 13.94 12.72 -13.71
C ASP B 265 14.23 12.74 -15.21
N LEU B 266 13.21 12.44 -16.01
CA LEU B 266 13.36 12.45 -17.47
C LEU B 266 13.28 13.86 -18.06
N ASN B 267 13.02 14.86 -17.22
CA ASN B 267 13.03 16.27 -17.61
C ASN B 267 14.47 16.75 -17.49
N PHE B 268 15.20 16.68 -18.60
CA PHE B 268 16.58 17.16 -18.61
C PHE B 268 16.59 18.68 -18.76
N LYS B 269 17.12 19.38 -17.76
CA LYS B 269 17.13 20.83 -17.76
C LYS B 269 17.89 21.37 -18.97
N GLY B 270 17.59 22.61 -19.33
CA GLY B 270 18.07 23.22 -20.57
C GLY B 270 19.55 23.11 -20.86
#